data_3MYF
#
_entry.id   3MYF
#
_cell.length_a   68.889
_cell.length_b   71.188
_cell.length_c   95.852
_cell.angle_alpha   90.000
_cell.angle_beta   90.000
_cell.angle_gamma   90.000
#
_symmetry.space_group_name_H-M   'P 21 21 21'
#
loop_
_entity.id
_entity.type
_entity.pdbx_description
1 polymer 'Sensor protein'
2 water water
#
_entity_poly.entity_id   1
_entity_poly.type   'polypeptide(L)'
_entity_poly.pdbx_seq_one_letter_code
;FDLHTLNWDLCLTQANHKSNLALE(MSE)LK(MSE)LLDSLPETVEKIQTALGQNDQAT(MSE)LSTIHKLHGASCYCGV
PTTQRLCQEIESALKRQTPVEDLEPEILELLDELTKVESAVKQVLSQLSAE
;
_entity_poly.pdbx_strand_id   A,B,C,D
#
# COMPACT_ATOMS: atom_id res chain seq x y z
N ASP A 2 5.47 -11.17 13.78
CA ASP A 2 4.92 -12.45 14.31
C ASP A 2 4.59 -13.39 13.15
N LEU A 3 5.44 -14.40 12.99
CA LEU A 3 5.39 -15.34 11.86
C LEU A 3 4.25 -16.35 11.98
N HIS A 4 3.67 -16.45 13.17
CA HIS A 4 2.48 -17.28 13.36
C HIS A 4 1.25 -16.63 12.72
N THR A 5 1.27 -15.30 12.65
CA THR A 5 0.18 -14.51 12.08
C THR A 5 0.36 -14.38 10.58
N LEU A 6 1.52 -13.90 10.16
CA LEU A 6 1.82 -13.76 8.74
C LEU A 6 3.31 -14.01 8.51
N ASN A 7 3.59 -14.91 7.57
CA ASN A 7 4.95 -15.32 7.23
C ASN A 7 5.19 -15.09 5.75
N TRP A 8 5.78 -13.94 5.43
CA TRP A 8 6.05 -13.53 4.05
C TRP A 8 6.80 -14.61 3.24
N ASP A 9 7.79 -15.22 3.86
CA ASP A 9 8.60 -16.25 3.21
C ASP A 9 7.80 -17.50 2.87
N LEU A 10 6.88 -17.87 3.76
CA LEU A 10 5.92 -18.92 3.49
C LEU A 10 4.97 -18.52 2.36
N CYS A 11 4.51 -17.27 2.39
CA CYS A 11 3.65 -16.76 1.32
C CYS A 11 4.39 -16.82 -0.01
N LEU A 12 5.67 -16.44 0.00
CA LEU A 12 6.53 -16.59 -1.18
C LEU A 12 6.60 -18.04 -1.64
N THR A 13 6.88 -18.96 -0.72
CA THR A 13 6.89 -20.40 -1.03
C THR A 13 5.57 -20.81 -1.68
N GLN A 14 4.46 -20.57 -0.96
CA GLN A 14 3.13 -20.87 -1.45
C GLN A 14 2.89 -20.33 -2.87
N ALA A 15 3.51 -19.19 -3.17
CA ALA A 15 3.35 -18.55 -4.48
C ALA A 15 4.55 -18.77 -5.39
N ASN A 16 5.29 -19.85 -5.15
CA ASN A 16 6.41 -20.30 -5.99
C ASN A 16 7.51 -19.24 -6.23
N HIS A 17 7.84 -18.50 -5.18
CA HIS A 17 8.91 -17.47 -5.19
C HIS A 17 8.69 -16.28 -6.15
N LYS A 18 7.47 -16.20 -6.69
CA LYS A 18 7.04 -15.06 -7.51
C LYS A 18 6.37 -14.04 -6.60
N SER A 19 7.14 -13.04 -6.16
CA SER A 19 6.65 -12.02 -5.22
C SER A 19 5.45 -11.29 -5.80
N ASN A 20 5.32 -11.37 -7.12
CA ASN A 20 4.22 -10.80 -7.88
C ASN A 20 2.85 -11.36 -7.53
N LEU A 21 2.68 -12.66 -7.78
CA LEU A 21 1.47 -13.37 -7.38
C LEU A 21 1.24 -13.25 -5.88
N ALA A 22 2.29 -13.51 -5.10
CA ALA A 22 2.22 -13.48 -3.63
C ALA A 22 1.64 -12.18 -3.10
N LEU A 23 2.20 -11.05 -3.52
CA LEU A 23 1.68 -9.76 -3.07
C LEU A 23 0.26 -9.53 -3.58
N GLU A 24 -0.05 -10.04 -4.77
CA GLU A 24 -1.40 -9.89 -5.31
C GLU A 24 -2.41 -10.70 -4.50
N MSE A 25 -2.02 -11.91 -4.12
CA MSE A 25 -2.84 -12.76 -3.23
C MSE A 25 -3.08 -12.06 -1.91
O MSE A 25 -4.18 -12.11 -1.38
CB MSE A 25 -2.16 -14.12 -2.97
CG MSE A 25 -1.68 -14.81 -4.22
SE MSE A 25 -2.36 -16.62 -4.32
CE MSE A 25 -4.24 -16.15 -4.22
N LEU A 26 -2.05 -11.41 -1.38
CA LEU A 26 -2.19 -10.72 -0.12
C LEU A 26 -3.11 -9.51 -0.28
N LYS A 27 -3.03 -8.87 -1.44
CA LYS A 27 -3.96 -7.76 -1.78
C LYS A 27 -5.41 -8.26 -1.79
N MSE A 28 -5.64 -9.40 -2.43
CA MSE A 28 -6.99 -9.96 -2.59
CA MSE A 28 -6.98 -9.98 -2.59
C MSE A 28 -7.55 -10.40 -1.24
O MSE A 28 -8.72 -10.19 -0.97
CB MSE A 28 -7.00 -11.14 -3.57
CB MSE A 28 -6.97 -11.17 -3.55
CG MSE A 28 -6.56 -10.79 -5.00
CG MSE A 28 -6.74 -10.80 -5.00
SE MSE A 28 -6.95 -12.22 -6.27
SE MSE A 28 -8.12 -9.62 -5.72
CE MSE A 28 -5.62 -11.90 -7.62
CE MSE A 28 -9.61 -10.89 -5.77
N LEU A 29 -6.70 -10.98 -0.40
CA LEU A 29 -7.11 -11.37 0.94
C LEU A 29 -7.54 -10.14 1.75
N LEU A 30 -6.69 -9.12 1.79
CA LEU A 30 -6.94 -7.89 2.53
C LEU A 30 -8.24 -7.20 2.11
N ASP A 31 -8.47 -7.08 0.80
CA ASP A 31 -9.69 -6.46 0.31
C ASP A 31 -10.93 -7.21 0.85
N SER A 32 -10.82 -8.53 0.93
CA SER A 32 -11.96 -9.39 1.30
C SER A 32 -12.16 -9.53 2.81
N LEU A 33 -11.15 -9.19 3.61
CA LEU A 33 -11.22 -9.46 5.05
C LEU A 33 -12.29 -8.66 5.84
N PRO A 34 -12.49 -7.35 5.54
CA PRO A 34 -13.50 -6.69 6.38
C PRO A 34 -14.90 -7.33 6.25
N GLU A 35 -15.30 -7.70 5.02
CA GLU A 35 -16.57 -8.39 4.78
CA GLU A 35 -16.55 -8.42 4.74
C GLU A 35 -16.63 -9.79 5.42
N THR A 36 -15.52 -10.52 5.36
CA THR A 36 -15.42 -11.83 6.01
C THR A 36 -15.62 -11.73 7.52
N VAL A 37 -14.93 -10.76 8.14
CA VAL A 37 -15.06 -10.52 9.59
C VAL A 37 -16.53 -10.22 9.97
N GLU A 38 -17.18 -9.30 9.25
CA GLU A 38 -18.59 -8.96 9.49
C GLU A 38 -19.54 -10.16 9.35
N LYS A 39 -19.33 -10.97 8.30
CA LYS A 39 -20.13 -12.17 8.10
C LYS A 39 -19.92 -13.19 9.23
N ILE A 40 -18.68 -13.36 9.69
CA ILE A 40 -18.41 -14.27 10.82
C ILE A 40 -19.06 -13.74 12.11
N GLN A 41 -18.88 -12.45 12.39
CA GLN A 41 -19.45 -11.86 13.60
C GLN A 41 -20.97 -12.01 13.63
N THR A 42 -21.60 -11.79 12.47
CA THR A 42 -23.06 -11.81 12.37
C THR A 42 -23.57 -13.25 12.52
N ALA A 43 -22.92 -14.18 11.82
CA ALA A 43 -23.30 -15.60 11.91
C ALA A 43 -23.16 -16.14 13.35
N LEU A 44 -22.15 -15.69 14.07
CA LEU A 44 -21.97 -16.09 15.48
C LEU A 44 -23.17 -15.65 16.35
N GLY A 45 -23.58 -14.38 16.20
CA GLY A 45 -24.70 -13.84 16.96
C GLY A 45 -26.02 -14.47 16.57
N GLN A 46 -26.14 -14.80 15.28
CA GLN A 46 -27.39 -15.33 14.72
C GLN A 46 -27.48 -16.85 14.82
N ASN A 47 -26.38 -17.50 15.21
CA ASN A 47 -26.29 -18.96 15.20
C ASN A 47 -26.68 -19.51 13.83
N ASP A 48 -26.05 -18.93 12.81
CA ASP A 48 -26.38 -19.16 11.41
C ASP A 48 -25.38 -20.15 10.82
N GLN A 49 -25.73 -21.45 10.91
CA GLN A 49 -24.82 -22.53 10.53
C GLN A 49 -24.33 -22.44 9.06
N ALA A 50 -25.25 -22.27 8.11
CA ALA A 50 -24.89 -22.28 6.68
C ALA A 50 -23.95 -21.11 6.27
N THR A 51 -24.29 -19.91 6.71
CA THR A 51 -23.48 -18.72 6.41
C THR A 51 -22.07 -18.85 7.00
N MSE A 52 -22.00 -19.35 8.24
CA MSE A 52 -20.71 -19.57 8.89
C MSE A 52 -19.85 -20.53 8.07
O MSE A 52 -18.68 -20.24 7.80
CB MSE A 52 -20.88 -20.08 10.33
CG MSE A 52 -19.57 -20.20 11.09
SE MSE A 52 -18.67 -18.47 11.35
CE MSE A 52 -19.71 -17.82 12.90
N LEU A 53 -20.41 -21.67 7.68
CA LEU A 53 -19.70 -22.65 6.86
C LEU A 53 -19.18 -22.07 5.55
N SER A 54 -20.07 -21.46 4.76
CA SER A 54 -19.68 -20.91 3.48
CA SER A 54 -19.67 -20.91 3.47
C SER A 54 -18.54 -19.90 3.62
N THR A 55 -18.65 -19.01 4.61
CA THR A 55 -17.63 -17.98 4.72
C THR A 55 -16.30 -18.50 5.26
N ILE A 56 -16.35 -19.46 6.18
CA ILE A 56 -15.13 -20.09 6.69
C ILE A 56 -14.44 -20.88 5.58
N HIS A 57 -15.23 -21.57 4.78
CA HIS A 57 -14.70 -22.34 3.66
C HIS A 57 -13.88 -21.50 2.68
N LYS A 58 -14.39 -20.31 2.33
CA LYS A 58 -13.71 -19.47 1.35
C LYS A 58 -12.45 -18.88 1.96
N LEU A 59 -12.53 -18.51 3.24
CA LEU A 59 -11.36 -18.03 3.98
C LEU A 59 -10.29 -19.11 4.09
N HIS A 60 -10.73 -20.33 4.35
CA HIS A 60 -9.81 -21.48 4.45
C HIS A 60 -9.02 -21.62 3.15
N GLY A 61 -9.72 -21.54 2.02
CA GLY A 61 -9.12 -21.63 0.70
C GLY A 61 -8.01 -20.61 0.54
N ALA A 62 -8.35 -19.35 0.81
CA ALA A 62 -7.38 -18.24 0.79
C ALA A 62 -6.17 -18.46 1.70
N SER A 63 -6.43 -18.88 2.94
CA SER A 63 -5.38 -18.98 3.95
C SER A 63 -4.25 -19.92 3.54
N CYS A 64 -4.58 -20.90 2.69
CA CYS A 64 -3.59 -21.90 2.25
C CYS A 64 -2.52 -21.28 1.34
N TYR A 65 -2.76 -20.05 0.86
CA TYR A 65 -1.86 -19.39 -0.08
C TYR A 65 -1.37 -18.00 0.36
N CYS A 66 -1.74 -17.58 1.56
CA CYS A 66 -1.32 -16.26 2.04
C CYS A 66 -0.37 -16.26 3.24
N GLY A 67 0.20 -17.43 3.55
CA GLY A 67 1.19 -17.57 4.62
C GLY A 67 0.68 -17.10 5.98
N VAL A 68 -0.50 -17.61 6.34
CA VAL A 68 -1.16 -17.23 7.58
C VAL A 68 -1.45 -18.49 8.40
N PRO A 69 -0.41 -18.99 9.10
CA PRO A 69 -0.54 -20.33 9.70
C PRO A 69 -1.66 -20.48 10.72
N THR A 70 -1.84 -19.49 11.60
CA THR A 70 -2.86 -19.58 12.66
C THR A 70 -4.26 -19.53 12.06
N THR A 71 -4.45 -18.61 11.10
CA THR A 71 -5.71 -18.53 10.35
C THR A 71 -6.03 -19.87 9.70
N GLN A 72 -5.02 -20.45 9.03
CA GLN A 72 -5.21 -21.70 8.32
C GLN A 72 -5.69 -22.81 9.26
N ARG A 73 -5.03 -22.92 10.41
CA ARG A 73 -5.34 -23.94 11.39
CA ARG A 73 -5.35 -23.96 11.37
C ARG A 73 -6.76 -23.75 11.94
N LEU A 74 -7.05 -22.52 12.35
CA LEU A 74 -8.36 -22.20 12.94
C LEU A 74 -9.47 -22.48 11.94
N CYS A 75 -9.26 -22.07 10.68
CA CYS A 75 -10.26 -22.35 9.62
C CYS A 75 -10.44 -23.85 9.40
N GLN A 76 -9.34 -24.61 9.45
CA GLN A 76 -9.42 -26.05 9.30
C GLN A 76 -10.27 -26.70 10.42
N GLU A 77 -9.99 -26.36 11.68
CA GLU A 77 -10.73 -26.91 12.84
C GLU A 77 -12.21 -26.55 12.76
N ILE A 78 -12.48 -25.28 12.45
CA ILE A 78 -13.85 -24.76 12.40
C ILE A 78 -14.61 -25.39 11.24
N GLU A 79 -14.04 -25.34 10.04
CA GLU A 79 -14.67 -25.95 8.87
C GLU A 79 -14.96 -27.44 9.06
N SER A 80 -13.96 -28.23 9.48
CA SER A 80 -14.15 -29.66 9.73
CA SER A 80 -14.19 -29.65 9.68
C SER A 80 -15.29 -29.88 10.72
N ALA A 81 -15.25 -29.15 11.85
CA ALA A 81 -16.32 -29.26 12.86
C ALA A 81 -17.73 -28.93 12.31
N LEU A 82 -17.84 -27.84 11.57
CA LEU A 82 -19.13 -27.46 10.97
C LEU A 82 -19.62 -28.53 9.99
N LYS A 83 -18.69 -29.15 9.28
CA LYS A 83 -19.03 -30.19 8.31
C LYS A 83 -19.53 -31.44 9.03
N ARG A 84 -19.15 -31.60 10.30
CA ARG A 84 -19.68 -32.66 11.18
C ARG A 84 -20.96 -32.24 11.92
N GLN A 85 -21.45 -31.04 11.64
CA GLN A 85 -22.66 -30.50 12.25
C GLN A 85 -22.55 -30.17 13.73
N THR A 86 -21.34 -29.82 14.18
CA THR A 86 -21.29 -29.19 15.49
C THR A 86 -21.85 -27.79 15.33
N PRO A 87 -22.79 -27.42 16.22
CA PRO A 87 -23.44 -26.13 16.09
C PRO A 87 -22.43 -25.00 16.34
N VAL A 88 -22.67 -23.86 15.72
CA VAL A 88 -21.81 -22.66 15.82
C VAL A 88 -21.51 -22.31 17.27
N GLU A 89 -22.55 -22.43 18.12
CA GLU A 89 -22.47 -22.15 19.54
C GLU A 89 -21.31 -22.89 20.22
N ASP A 90 -21.13 -24.15 19.85
CA ASP A 90 -20.11 -24.96 20.48
C ASP A 90 -18.70 -24.61 19.97
N LEU A 91 -18.65 -23.82 18.89
CA LEU A 91 -17.37 -23.42 18.32
C LEU A 91 -17.01 -21.99 18.69
N GLU A 92 -17.77 -21.39 19.59
CA GLU A 92 -17.55 -19.99 19.98
C GLU A 92 -16.09 -19.71 20.37
N PRO A 93 -15.46 -20.58 21.20
CA PRO A 93 -14.07 -20.31 21.55
C PRO A 93 -13.15 -20.19 20.31
N GLU A 94 -13.28 -21.11 19.37
CA GLU A 94 -12.42 -21.09 18.15
C GLU A 94 -12.79 -19.96 17.22
N ILE A 95 -14.07 -19.64 17.13
CA ILE A 95 -14.50 -18.55 16.25
C ILE A 95 -14.01 -17.21 16.79
N LEU A 96 -14.10 -17.03 18.11
CA LEU A 96 -13.62 -15.81 18.77
C LEU A 96 -12.11 -15.67 18.59
N GLU A 97 -11.40 -16.80 18.72
CA GLU A 97 -9.97 -16.82 18.52
C GLU A 97 -9.66 -16.46 17.06
N LEU A 98 -10.47 -16.98 16.14
CA LEU A 98 -10.27 -16.66 14.73
C LEU A 98 -10.48 -15.17 14.45
N LEU A 99 -11.54 -14.60 15.01
CA LEU A 99 -11.79 -13.16 14.80
C LEU A 99 -10.64 -12.32 15.30
N ASP A 100 -10.13 -12.64 16.49
CA ASP A 100 -8.99 -11.92 17.05
C ASP A 100 -7.77 -12.04 16.12
N GLU A 101 -7.56 -13.23 15.59
CA GLU A 101 -6.49 -13.48 14.63
C GLU A 101 -6.63 -12.66 13.33
N LEU A 102 -7.85 -12.49 12.83
CA LEU A 102 -8.06 -11.73 11.60
C LEU A 102 -7.75 -10.25 11.73
N THR A 103 -8.01 -9.70 12.92
CA THR A 103 -7.57 -8.35 13.24
C THR A 103 -6.04 -8.22 13.13
N LYS A 104 -5.30 -9.18 13.68
CA LYS A 104 -3.83 -9.19 13.57
C LYS A 104 -3.34 -9.39 12.14
N VAL A 105 -4.07 -10.21 11.39
CA VAL A 105 -3.74 -10.48 9.97
C VAL A 105 -3.94 -9.23 9.12
N GLU A 106 -5.04 -8.50 9.36
CA GLU A 106 -5.31 -7.24 8.65
C GLU A 106 -4.18 -6.26 8.87
N SER A 107 -3.72 -6.16 10.12
CA SER A 107 -2.61 -5.24 10.44
C SER A 107 -1.31 -5.70 9.78
N ALA A 108 -1.04 -7.00 9.86
CA ALA A 108 0.21 -7.55 9.35
C ALA A 108 0.33 -7.40 7.85
N VAL A 109 -0.77 -7.68 7.14
CA VAL A 109 -0.78 -7.56 5.68
C VAL A 109 -0.66 -6.10 5.24
N LYS A 110 -1.41 -5.21 5.89
CA LYS A 110 -1.32 -3.77 5.63
C LYS A 110 0.10 -3.23 5.87
N GLN A 111 0.81 -3.89 6.77
CA GLN A 111 2.20 -3.55 7.06
C GLN A 111 3.13 -4.06 5.95
N VAL A 112 2.92 -5.31 5.54
CA VAL A 112 3.72 -5.94 4.49
C VAL A 112 3.48 -5.31 3.10
N LEU A 113 2.36 -4.61 2.94
CA LEU A 113 2.05 -3.92 1.69
C LEU A 113 2.58 -2.48 1.70
N SER A 114 2.56 -1.84 2.86
CA SER A 114 3.18 -0.52 3.04
C SER A 114 4.69 -0.62 2.83
N GLN A 115 5.24 -1.78 3.14
CA GLN A 115 6.66 -2.06 3.03
C GLN A 115 7.07 -2.42 1.61
N LEU A 116 6.31 -3.31 0.97
CA LEU A 116 6.75 -3.94 -0.30
C LEU A 116 5.96 -3.60 -1.59
N SER A 117 4.88 -2.82 -1.49
CA SER A 117 4.05 -2.55 -2.68
C SER A 117 4.55 -1.40 -3.55
N ALA A 118 4.57 -1.63 -4.86
CA ALA A 118 4.92 -0.63 -5.86
C ALA A 118 3.69 -0.30 -6.71
N ASP B 2 -15.72 -18.54 -24.26
CA ASP B 2 -14.77 -17.96 -25.26
C ASP B 2 -13.46 -17.66 -24.56
N LEU B 3 -12.36 -17.95 -25.26
CA LEU B 3 -10.99 -17.69 -24.75
C LEU B 3 -10.62 -16.22 -24.65
N HIS B 4 -11.42 -15.32 -25.25
CA HIS B 4 -11.21 -13.89 -24.99
C HIS B 4 -11.86 -13.45 -23.68
N THR B 5 -12.61 -14.35 -23.07
CA THR B 5 -13.24 -14.06 -21.79
C THR B 5 -12.46 -14.71 -20.66
N LEU B 6 -12.19 -16.01 -20.79
CA LEU B 6 -11.35 -16.72 -19.81
C LEU B 6 -10.52 -17.72 -20.56
N ASN B 7 -9.22 -17.74 -20.27
CA ASN B 7 -8.35 -18.76 -20.84
C ASN B 7 -7.51 -19.39 -19.75
N TRP B 8 -7.84 -20.63 -19.40
CA TRP B 8 -7.13 -21.37 -18.35
C TRP B 8 -5.63 -21.46 -18.59
N ASP B 9 -5.23 -21.73 -19.83
CA ASP B 9 -3.80 -21.86 -20.19
C ASP B 9 -3.05 -20.57 -19.91
N LEU B 10 -3.75 -19.45 -20.12
CA LEU B 10 -3.27 -18.11 -19.81
C LEU B 10 -3.06 -17.91 -18.31
N CYS B 11 -4.05 -18.35 -17.52
CA CYS B 11 -3.92 -18.33 -16.07
CA CYS B 11 -3.93 -18.37 -16.06
C CYS B 11 -2.66 -19.10 -15.63
N LEU B 12 -2.41 -20.24 -16.27
CA LEU B 12 -1.23 -21.08 -15.99
C LEU B 12 0.11 -20.39 -16.28
N THR B 13 0.21 -19.70 -17.42
CA THR B 13 1.40 -18.91 -17.77
C THR B 13 1.65 -17.78 -16.77
N GLN B 14 0.58 -17.05 -16.44
CA GLN B 14 0.65 -15.98 -15.45
C GLN B 14 1.04 -16.50 -14.06
N ALA B 15 0.82 -17.79 -13.84
CA ALA B 15 1.11 -18.45 -12.55
C ALA B 15 2.36 -19.35 -12.54
N ASN B 16 3.15 -19.27 -13.60
CA ASN B 16 4.36 -20.09 -13.74
C ASN B 16 4.07 -21.60 -13.60
N HIS B 17 2.91 -22.01 -14.10
CA HIS B 17 2.51 -23.43 -14.27
C HIS B 17 2.14 -24.21 -12.99
N LYS B 18 1.93 -23.50 -11.88
CA LYS B 18 1.43 -24.12 -10.64
C LYS B 18 -0.09 -24.02 -10.59
N SER B 19 -0.76 -25.17 -10.68
CA SER B 19 -2.19 -25.25 -10.94
C SER B 19 -3.06 -24.78 -9.78
N ASN B 20 -2.73 -25.25 -8.57
CA ASN B 20 -3.53 -24.98 -7.37
C ASN B 20 -3.51 -23.53 -6.97
N LEU B 21 -2.38 -22.88 -7.24
CA LEU B 21 -2.22 -21.44 -7.09
C LEU B 21 -3.22 -20.70 -7.99
N ALA B 22 -3.21 -21.06 -9.27
CA ALA B 22 -4.06 -20.43 -10.29
C ALA B 22 -5.54 -20.62 -9.99
N LEU B 23 -5.86 -21.84 -9.59
CA LEU B 23 -7.19 -22.23 -9.17
C LEU B 23 -7.70 -21.39 -7.98
N GLU B 24 -6.87 -21.23 -6.95
CA GLU B 24 -7.23 -20.39 -5.80
C GLU B 24 -7.42 -18.91 -6.21
N MSE B 25 -6.54 -18.40 -7.07
CA MSE B 25 -6.70 -17.03 -7.56
CA MSE B 25 -6.66 -17.05 -7.62
C MSE B 25 -8.05 -16.83 -8.25
O MSE B 25 -8.69 -15.81 -8.04
CB MSE B 25 -5.54 -16.60 -8.48
CB MSE B 25 -5.56 -16.81 -8.65
CG MSE B 25 -5.58 -15.12 -8.87
CG MSE B 25 -4.26 -16.27 -8.07
SE MSE B 25 -4.98 -13.85 -7.48
SE MSE B 25 -4.10 -14.36 -8.45
CE MSE B 25 -3.12 -14.42 -7.40
CE MSE B 25 -5.98 -13.85 -8.30
N LEU B 26 -8.48 -17.81 -9.05
CA LEU B 26 -9.78 -17.72 -9.70
C LEU B 26 -10.93 -17.73 -8.67
N LYS B 27 -10.81 -18.56 -7.64
CA LYS B 27 -11.79 -18.60 -6.56
C LYS B 27 -11.88 -17.24 -5.86
N MSE B 28 -10.73 -16.62 -5.60
CA MSE B 28 -10.69 -15.31 -4.95
C MSE B 28 -11.34 -14.24 -5.83
O MSE B 28 -12.09 -13.39 -5.33
CB MSE B 28 -9.26 -14.91 -4.59
CG MSE B 28 -8.61 -15.84 -3.56
SE MSE B 28 -6.76 -15.39 -3.15
CE MSE B 28 -7.07 -14.38 -1.51
N LEU B 29 -11.06 -14.30 -7.13
CA LEU B 29 -11.69 -13.40 -8.11
C LEU B 29 -13.19 -13.61 -8.15
N LEU B 30 -13.61 -14.87 -8.34
CA LEU B 30 -15.05 -15.20 -8.41
C LEU B 30 -15.84 -14.71 -7.19
N ASP B 31 -15.29 -14.98 -5.99
CA ASP B 31 -15.93 -14.58 -4.75
CA ASP B 31 -15.91 -14.58 -4.73
C ASP B 31 -16.04 -13.05 -4.62
N SER B 32 -15.09 -12.34 -5.21
CA SER B 32 -15.04 -10.88 -5.12
C SER B 32 -15.98 -10.19 -6.09
N LEU B 33 -16.43 -10.92 -7.11
CA LEU B 33 -17.11 -10.23 -8.22
C LEU B 33 -18.43 -9.52 -7.90
N PRO B 34 -19.39 -10.20 -7.22
CA PRO B 34 -20.65 -9.51 -6.94
C PRO B 34 -20.45 -8.18 -6.21
N GLU B 35 -19.63 -8.16 -5.16
CA GLU B 35 -19.38 -6.91 -4.45
C GLU B 35 -18.63 -5.89 -5.27
N THR B 36 -17.63 -6.33 -6.04
CA THR B 36 -16.90 -5.42 -6.94
C THR B 36 -17.82 -4.82 -8.01
N VAL B 37 -18.70 -5.64 -8.56
CA VAL B 37 -19.66 -5.14 -9.54
C VAL B 37 -20.54 -4.08 -8.88
N GLU B 38 -21.02 -4.38 -7.67
CA GLU B 38 -21.87 -3.44 -6.95
C GLU B 38 -21.12 -2.12 -6.68
N LYS B 39 -19.84 -2.23 -6.31
CA LYS B 39 -19.04 -1.04 -6.04
C LYS B 39 -18.85 -0.20 -7.30
N ILE B 40 -18.54 -0.86 -8.42
CA ILE B 40 -18.44 -0.18 -9.73
C ILE B 40 -19.77 0.48 -10.10
N GLN B 41 -20.84 -0.26 -9.97
CA GLN B 41 -22.15 0.24 -10.34
C GLN B 41 -22.51 1.49 -9.50
N THR B 42 -22.34 1.38 -8.19
CA THR B 42 -22.72 2.47 -7.28
CA THR B 42 -22.73 2.49 -7.30
C THR B 42 -21.86 3.71 -7.56
N ALA B 43 -20.56 3.50 -7.80
CA ALA B 43 -19.66 4.63 -8.10
C ALA B 43 -20.01 5.31 -9.43
N LEU B 44 -20.50 4.54 -10.39
CA LEU B 44 -20.93 5.12 -11.66
C LEU B 44 -22.10 6.07 -11.42
N GLY B 45 -23.09 5.57 -10.66
CA GLY B 45 -24.30 6.32 -10.39
C GLY B 45 -24.02 7.60 -9.63
N GLN B 46 -23.00 7.55 -8.77
CA GLN B 46 -22.62 8.68 -7.92
C GLN B 46 -21.52 9.54 -8.52
N ASN B 47 -21.06 9.22 -9.73
CA ASN B 47 -19.98 10.01 -10.36
C ASN B 47 -18.77 10.12 -9.41
N ASP B 48 -18.51 9.00 -8.73
CA ASP B 48 -17.52 8.91 -7.69
C ASP B 48 -16.21 8.48 -8.34
N GLN B 49 -15.41 9.45 -8.79
CA GLN B 49 -14.23 9.09 -9.58
C GLN B 49 -13.17 8.41 -8.69
N ALA B 50 -13.15 8.78 -7.42
CA ALA B 50 -12.16 8.27 -6.47
C ALA B 50 -12.36 6.78 -6.24
N THR B 51 -13.58 6.40 -5.87
CA THR B 51 -13.93 4.99 -5.67
C THR B 51 -13.84 4.19 -6.96
N MSE B 52 -14.26 4.77 -8.09
CA MSE B 52 -14.10 4.10 -9.37
C MSE B 52 -12.62 3.74 -9.62
O MSE B 52 -12.31 2.59 -9.96
CB MSE B 52 -14.67 4.93 -10.53
CG MSE B 52 -14.63 4.18 -11.87
SE MSE B 52 -15.86 2.65 -11.82
CE MSE B 52 -17.56 3.64 -12.02
N LEU B 53 -11.72 4.70 -9.43
CA LEU B 53 -10.28 4.44 -9.69
C LEU B 53 -9.72 3.31 -8.81
N SER B 54 -9.96 3.38 -7.50
CA SER B 54 -9.41 2.35 -6.59
C SER B 54 -10.01 0.97 -6.91
N THR B 55 -11.30 0.96 -7.23
CA THR B 55 -12.01 -0.29 -7.47
C THR B 55 -11.52 -0.93 -8.79
N ILE B 56 -11.46 -0.10 -9.84
CA ILE B 56 -10.95 -0.56 -11.14
C ILE B 56 -9.49 -0.98 -11.03
N HIS B 57 -8.68 -0.18 -10.33
CA HIS B 57 -7.26 -0.49 -10.08
C HIS B 57 -7.06 -1.87 -9.46
N LYS B 58 -7.87 -2.18 -8.44
CA LYS B 58 -7.81 -3.47 -7.73
C LYS B 58 -8.29 -4.64 -8.59
N LEU B 59 -9.38 -4.44 -9.34
CA LEU B 59 -9.82 -5.48 -10.28
C LEU B 59 -8.77 -5.69 -11.35
N HIS B 60 -8.19 -4.60 -11.84
CA HIS B 60 -7.14 -4.70 -12.85
C HIS B 60 -5.94 -5.53 -12.36
N GLY B 61 -5.41 -5.21 -11.17
CA GLY B 61 -4.37 -6.04 -10.54
C GLY B 61 -4.70 -7.53 -10.50
N ALA B 62 -5.92 -7.87 -10.11
CA ALA B 62 -6.39 -9.27 -10.14
C ALA B 62 -6.43 -9.89 -11.54
N SER B 63 -7.02 -9.17 -12.49
CA SER B 63 -7.19 -9.66 -13.86
C SER B 63 -5.87 -10.07 -14.51
N CYS B 64 -4.76 -9.43 -14.12
CA CYS B 64 -3.45 -9.73 -14.67
C CYS B 64 -2.94 -11.16 -14.35
N TYR B 65 -3.57 -11.84 -13.40
CA TYR B 65 -3.20 -13.23 -13.06
C TYR B 65 -4.33 -14.25 -13.23
N CYS B 66 -5.42 -13.82 -13.86
CA CYS B 66 -6.64 -14.63 -13.97
C CYS B 66 -7.01 -15.00 -15.42
N GLY B 67 -6.11 -14.76 -16.37
CA GLY B 67 -6.32 -15.09 -17.79
C GLY B 67 -7.68 -14.64 -18.30
N VAL B 68 -8.01 -13.38 -18.08
CA VAL B 68 -9.30 -12.84 -18.52
C VAL B 68 -9.04 -11.64 -19.47
N PRO B 69 -8.70 -11.93 -20.74
CA PRO B 69 -8.17 -10.86 -21.62
C PRO B 69 -9.08 -9.62 -21.81
N THR B 70 -10.37 -9.83 -22.02
CA THR B 70 -11.28 -8.69 -22.25
C THR B 70 -11.44 -7.82 -20.98
N THR B 71 -11.56 -8.47 -19.83
CA THR B 71 -11.64 -7.77 -18.56
C THR B 71 -10.40 -6.92 -18.35
N GLN B 72 -9.24 -7.53 -18.57
CA GLN B 72 -7.98 -6.83 -18.36
C GLN B 72 -7.90 -5.57 -19.23
N ARG B 73 -8.31 -5.69 -20.49
CA ARG B 73 -8.18 -4.58 -21.42
C ARG B 73 -9.14 -3.44 -21.06
N LEU B 74 -10.38 -3.79 -20.74
CA LEU B 74 -11.36 -2.78 -20.36
C LEU B 74 -10.89 -2.06 -19.09
N CYS B 75 -10.36 -2.81 -18.11
CA CYS B 75 -9.82 -2.17 -16.88
C CYS B 75 -8.69 -1.19 -17.19
N GLN B 76 -7.81 -1.58 -18.10
CA GLN B 76 -6.70 -0.75 -18.53
CA GLN B 76 -6.70 -0.75 -18.54
C GLN B 76 -7.24 0.51 -19.19
N GLU B 77 -8.25 0.35 -20.04
CA GLU B 77 -8.80 1.52 -20.73
C GLU B 77 -9.45 2.48 -19.72
N ILE B 78 -10.19 1.94 -18.78
CA ILE B 78 -10.90 2.78 -17.82
C ILE B 78 -9.90 3.42 -16.85
N GLU B 79 -8.98 2.60 -16.31
CA GLU B 79 -7.98 3.13 -15.36
C GLU B 79 -7.13 4.22 -16.02
N SER B 80 -6.60 3.97 -17.21
CA SER B 80 -5.83 4.99 -17.95
C SER B 80 -6.57 6.29 -18.13
N ALA B 81 -7.83 6.19 -18.54
CA ALA B 81 -8.66 7.37 -18.77
C ALA B 81 -8.95 8.13 -17.47
N LEU B 82 -9.26 7.41 -16.38
CA LEU B 82 -9.45 8.09 -15.07
C LEU B 82 -8.20 8.84 -14.64
N LYS B 83 -7.03 8.23 -14.85
CA LYS B 83 -5.77 8.90 -14.54
C LYS B 83 -5.49 10.13 -15.42
N ARG B 84 -6.24 10.28 -16.52
CA ARG B 84 -6.18 11.51 -17.35
C ARG B 84 -7.37 12.46 -17.09
N GLN B 85 -8.06 12.22 -15.97
CA GLN B 85 -9.24 12.99 -15.53
C GLN B 85 -10.39 13.04 -16.51
N THR B 86 -10.55 11.94 -17.25
CA THR B 86 -11.73 11.74 -18.07
C THR B 86 -12.91 11.51 -17.11
N PRO B 87 -14.01 12.26 -17.26
CA PRO B 87 -15.20 12.09 -16.42
C PRO B 87 -15.67 10.62 -16.37
N VAL B 88 -16.01 10.15 -15.17
CA VAL B 88 -16.58 8.81 -15.02
C VAL B 88 -17.79 8.68 -15.93
N GLU B 89 -18.59 9.75 -16.04
CA GLU B 89 -19.83 9.65 -16.82
C GLU B 89 -19.56 9.38 -18.30
N ASP B 90 -18.43 9.89 -18.81
CA ASP B 90 -18.06 9.71 -20.22
C ASP B 90 -17.51 8.29 -20.43
N LEU B 91 -17.15 7.60 -19.35
CA LEU B 91 -16.66 6.22 -19.44
C LEU B 91 -17.81 5.22 -19.24
N GLU B 92 -19.03 5.74 -19.19
CA GLU B 92 -20.22 4.89 -19.15
C GLU B 92 -20.17 3.71 -20.15
N PRO B 93 -19.79 3.94 -21.43
CA PRO B 93 -19.83 2.78 -22.35
C PRO B 93 -18.87 1.67 -21.94
N GLU B 94 -17.63 2.01 -21.58
CA GLU B 94 -16.63 1.01 -21.19
C GLU B 94 -16.99 0.31 -19.87
N ILE B 95 -17.55 1.09 -18.94
CA ILE B 95 -18.01 0.53 -17.66
C ILE B 95 -19.14 -0.46 -17.85
N LEU B 96 -20.11 -0.11 -18.71
CA LEU B 96 -21.21 -1.03 -19.01
C LEU B 96 -20.69 -2.31 -19.71
N GLU B 97 -19.78 -2.16 -20.65
CA GLU B 97 -19.10 -3.32 -21.26
C GLU B 97 -18.39 -4.16 -20.21
N LEU B 98 -17.80 -3.52 -19.20
CA LEU B 98 -17.08 -4.27 -18.16
C LEU B 98 -18.04 -5.06 -17.30
N LEU B 99 -19.14 -4.42 -16.89
CA LEU B 99 -20.16 -5.13 -16.12
C LEU B 99 -20.72 -6.32 -16.91
N ASP B 100 -20.98 -6.12 -18.21
CA ASP B 100 -21.43 -7.17 -19.12
C ASP B 100 -20.39 -8.33 -19.13
N GLU B 101 -19.12 -7.98 -19.26
CA GLU B 101 -18.03 -8.98 -19.41
C GLU B 101 -17.85 -9.75 -18.12
N LEU B 102 -18.04 -9.09 -16.98
CA LEU B 102 -17.85 -9.76 -15.68
C LEU B 102 -18.90 -10.82 -15.43
N THR B 103 -20.11 -10.66 -16.00
CA THR B 103 -21.11 -11.73 -15.90
C THR B 103 -20.61 -12.98 -16.65
N LYS B 104 -20.06 -12.76 -17.83
CA LYS B 104 -19.48 -13.84 -18.63
C LYS B 104 -18.24 -14.48 -17.96
N VAL B 105 -17.36 -13.66 -17.38
CA VAL B 105 -16.28 -14.19 -16.53
C VAL B 105 -16.80 -15.10 -15.41
N GLU B 106 -17.81 -14.65 -14.66
CA GLU B 106 -18.41 -15.48 -13.57
C GLU B 106 -18.86 -16.84 -14.07
N SER B 107 -19.57 -16.86 -15.20
CA SER B 107 -20.05 -18.12 -15.79
C SER B 107 -18.90 -19.04 -16.19
N ALA B 108 -17.90 -18.46 -16.85
CA ALA B 108 -16.71 -19.17 -17.31
C ALA B 108 -15.89 -19.75 -16.16
N VAL B 109 -15.67 -18.94 -15.12
CA VAL B 109 -14.91 -19.41 -13.93
C VAL B 109 -15.64 -20.55 -13.23
N LYS B 110 -16.94 -20.37 -12.98
CA LYS B 110 -17.77 -21.46 -12.44
C LYS B 110 -17.66 -22.72 -13.28
N GLN B 111 -17.56 -22.56 -14.60
CA GLN B 111 -17.42 -23.72 -15.48
C GLN B 111 -16.07 -24.43 -15.29
N VAL B 112 -14.98 -23.66 -15.28
CA VAL B 112 -13.64 -24.20 -15.14
C VAL B 112 -13.44 -24.84 -13.76
N LEU B 113 -14.04 -24.21 -12.74
CA LEU B 113 -13.94 -24.69 -11.37
C LEU B 113 -14.66 -26.03 -11.17
N SER B 114 -15.61 -26.35 -12.06
CA SER B 114 -16.32 -27.64 -12.05
CA SER B 114 -16.31 -27.64 -12.04
C SER B 114 -15.46 -28.76 -12.62
N GLN B 115 -14.44 -28.39 -13.40
CA GLN B 115 -13.49 -29.33 -13.99
C GLN B 115 -12.21 -29.37 -13.15
N ASP C 2 24.65 21.86 -12.39
CA ASP C 2 24.19 21.15 -13.62
C ASP C 2 22.67 20.97 -13.58
N LEU C 3 21.96 21.63 -14.49
CA LEU C 3 20.49 21.58 -14.54
C LEU C 3 19.91 20.17 -14.79
N HIS C 4 20.78 19.22 -15.14
CA HIS C 4 20.39 17.82 -15.36
C HIS C 4 20.44 17.00 -14.07
N THR C 5 21.14 17.53 -13.08
CA THR C 5 21.19 16.92 -11.75
C THR C 5 20.14 17.52 -10.83
N LEU C 6 20.16 18.85 -10.71
CA LEU C 6 19.17 19.57 -9.93
C LEU C 6 18.82 20.88 -10.61
N ASN C 7 17.52 21.05 -10.83
CA ASN C 7 17.01 22.22 -11.52
C ASN C 7 15.95 22.84 -10.61
N TRP C 8 16.31 23.92 -9.92
CA TRP C 8 15.45 24.53 -8.91
C TRP C 8 14.16 25.02 -9.54
N ASP C 9 14.24 25.58 -10.73
CA ASP C 9 13.06 26.09 -11.41
C ASP C 9 12.13 24.96 -11.84
N LEU C 10 12.70 23.78 -12.08
CA LEU C 10 11.93 22.59 -12.40
C LEU C 10 11.25 22.07 -11.13
N CYS C 11 11.99 22.02 -10.03
CA CYS C 11 11.40 21.72 -8.74
CA CYS C 11 11.42 21.77 -8.70
C CYS C 11 10.22 22.67 -8.44
N LEU C 12 10.38 23.95 -8.73
CA LEU C 12 9.36 24.97 -8.48
C LEU C 12 8.08 24.73 -9.29
N THR C 13 8.25 24.43 -10.56
CA THR C 13 7.13 24.10 -11.46
C THR C 13 6.39 22.85 -10.99
N GLN C 14 7.16 21.80 -10.64
CA GLN C 14 6.62 20.57 -10.11
C GLN C 14 5.85 20.83 -8.82
N ALA C 15 6.33 21.79 -8.02
CA ALA C 15 5.67 22.20 -6.78
C ALA C 15 4.67 23.34 -6.94
N ASN C 16 4.03 23.43 -8.11
CA ASN C 16 3.00 24.43 -8.38
C ASN C 16 3.37 25.85 -7.93
N HIS C 17 4.63 26.21 -8.16
CA HIS C 17 5.20 27.54 -7.85
C HIS C 17 5.10 27.92 -6.37
N LYS C 18 4.93 26.91 -5.51
CA LYS C 18 4.94 27.09 -4.06
C LYS C 18 6.35 26.88 -3.52
N SER C 19 7.01 28.00 -3.26
CA SER C 19 8.43 28.08 -2.89
C SER C 19 8.82 27.30 -1.61
N ASN C 20 8.20 27.62 -0.48
CA ASN C 20 8.47 26.92 0.79
C ASN C 20 8.17 25.43 0.75
N LEU C 21 7.17 25.07 -0.06
CA LEU C 21 6.76 23.69 -0.25
C LEU C 21 7.87 22.92 -0.98
N ALA C 22 8.29 23.42 -2.14
CA ALA C 22 9.39 22.83 -2.91
C ALA C 22 10.67 22.64 -2.08
N LEU C 23 10.97 23.61 -1.21
CA LEU C 23 12.12 23.54 -0.32
C LEU C 23 12.01 22.41 0.71
N GLU C 24 10.84 22.31 1.35
CA GLU C 24 10.59 21.21 2.29
C GLU C 24 10.64 19.84 1.60
N MSE C 25 10.18 19.78 0.35
CA MSE C 25 10.32 18.56 -0.45
C MSE C 25 11.79 18.15 -0.55
O MSE C 25 12.13 16.99 -0.35
CB MSE C 25 9.79 18.80 -1.86
CG MSE C 25 9.51 17.54 -2.63
SE MSE C 25 7.65 17.05 -2.33
CE MSE C 25 6.93 18.85 -2.50
N LEU C 26 12.64 19.13 -0.88
CA LEU C 26 14.08 18.92 -0.99
C LEU C 26 14.70 18.51 0.35
N LYS C 27 14.23 19.11 1.44
CA LYS C 27 14.59 18.65 2.80
C LYS C 27 14.17 17.19 3.03
N MSE C 28 12.91 16.87 2.72
CA MSE C 28 12.37 15.51 2.84
CA MSE C 28 12.43 15.50 2.91
C MSE C 28 13.24 14.50 2.05
O MSE C 28 13.50 13.39 2.50
CB MSE C 28 10.92 15.45 2.35
CB MSE C 28 10.92 15.39 2.67
CG MSE C 28 9.85 16.07 3.27
CG MSE C 28 10.08 15.96 3.81
SE MSE C 28 8.00 15.98 2.57
SE MSE C 28 10.60 15.32 5.59
CE MSE C 28 7.07 16.81 4.06
CE MSE C 28 10.07 13.44 5.46
N LEU C 29 13.66 14.91 0.86
CA LEU C 29 14.47 14.02 0.02
C LEU C 29 15.88 13.81 0.59
N LEU C 30 16.57 14.91 0.87
CA LEU C 30 17.93 14.85 1.43
C LEU C 30 18.00 14.03 2.71
N ASP C 31 17.01 14.20 3.58
CA ASP C 31 16.95 13.48 4.85
C ASP C 31 16.74 11.97 4.64
N SER C 32 16.02 11.63 3.58
CA SER C 32 15.70 10.23 3.24
C SER C 32 16.83 9.55 2.46
N LEU C 33 17.70 10.34 1.85
CA LEU C 33 18.67 9.80 0.89
C LEU C 33 19.65 8.78 1.48
N PRO C 34 20.28 9.09 2.64
CA PRO C 34 21.23 8.08 3.17
C PRO C 34 20.60 6.71 3.49
N GLU C 35 19.40 6.67 4.06
CA GLU C 35 18.70 5.39 4.33
C GLU C 35 18.28 4.67 3.03
N THR C 36 17.85 5.44 2.03
CA THR C 36 17.49 4.89 0.73
C THR C 36 18.73 4.28 0.06
N VAL C 37 19.85 5.00 0.11
CA VAL C 37 21.10 4.50 -0.45
C VAL C 37 21.48 3.16 0.21
N GLU C 38 21.34 3.05 1.53
CA GLU C 38 21.68 1.80 2.22
C GLU C 38 20.74 0.67 1.80
N LYS C 39 19.45 0.98 1.67
CA LYS C 39 18.47 -0.04 1.26
C LYS C 39 18.78 -0.56 -0.14
N ILE C 40 19.17 0.34 -1.05
CA ILE C 40 19.53 -0.06 -2.42
C ILE C 40 20.77 -0.94 -2.38
N GLN C 41 21.78 -0.52 -1.62
CA GLN C 41 23.02 -1.29 -1.56
C GLN C 41 22.83 -2.69 -0.97
N THR C 42 21.97 -2.78 0.06
CA THR C 42 21.69 -4.06 0.69
C THR C 42 20.92 -5.00 -0.24
N ALA C 43 19.85 -4.49 -0.85
CA ALA C 43 19.05 -5.26 -1.80
C ALA C 43 19.86 -5.75 -3.00
N LEU C 44 20.79 -4.92 -3.46
CA LEU C 44 21.60 -5.25 -4.61
C LEU C 44 22.52 -6.41 -4.25
N GLY C 45 23.17 -6.30 -3.09
CA GLY C 45 23.99 -7.37 -2.59
C GLY C 45 23.22 -8.65 -2.33
N GLN C 46 21.95 -8.51 -1.93
CA GLN C 46 21.11 -9.70 -1.64
C GLN C 46 20.30 -10.22 -2.83
N ASN C 47 20.40 -9.55 -3.98
CA ASN C 47 19.57 -9.88 -5.14
C ASN C 47 18.08 -9.85 -4.77
N ASP C 48 17.67 -8.86 -3.99
CA ASP C 48 16.32 -8.82 -3.42
C ASP C 48 15.37 -8.05 -4.35
N GLN C 49 14.63 -8.78 -5.17
CA GLN C 49 13.74 -8.17 -6.16
C GLN C 49 12.70 -7.26 -5.53
N ALA C 50 11.99 -7.77 -4.52
CA ALA C 50 10.84 -7.07 -3.95
C ALA C 50 11.24 -5.79 -3.24
N THR C 51 12.30 -5.87 -2.44
CA THR C 51 12.81 -4.71 -1.70
C THR C 51 13.43 -3.68 -2.63
N MSE C 52 14.13 -4.15 -3.66
CA MSE C 52 14.65 -3.21 -4.66
C MSE C 52 13.49 -2.47 -5.32
O MSE C 52 13.51 -1.24 -5.46
CB MSE C 52 15.55 -3.89 -5.71
CG MSE C 52 16.14 -2.86 -6.68
SE MSE C 52 17.45 -1.76 -5.78
CE MSE C 52 18.83 -3.10 -5.54
N LEU C 53 12.44 -3.20 -5.69
CA LEU C 53 11.32 -2.58 -6.37
C LEU C 53 10.65 -1.54 -5.46
N SER C 54 10.39 -1.93 -4.21
CA SER C 54 9.71 -1.03 -3.28
C SER C 54 10.54 0.23 -3.06
N THR C 55 11.85 0.07 -2.91
CA THR C 55 12.75 1.20 -2.60
C THR C 55 12.89 2.18 -3.79
N ILE C 56 13.09 1.62 -4.99
CA ILE C 56 13.17 2.41 -6.21
C ILE C 56 11.82 3.13 -6.44
N HIS C 57 10.72 2.42 -6.20
CA HIS C 57 9.39 3.01 -6.38
C HIS C 57 9.26 4.29 -5.55
N LYS C 58 9.58 4.20 -4.26
CA LYS C 58 9.48 5.37 -3.37
C LYS C 58 10.37 6.53 -3.83
N LEU C 59 11.61 6.22 -4.20
CA LEU C 59 12.55 7.24 -4.67
C LEU C 59 12.09 7.84 -6.00
N HIS C 60 11.52 7.00 -6.87
CA HIS C 60 10.96 7.49 -8.15
C HIS C 60 9.88 8.55 -7.86
N GLY C 61 8.94 8.22 -6.97
CA GLY C 61 7.86 9.11 -6.57
C GLY C 61 8.41 10.47 -6.12
N ALA C 62 9.38 10.44 -5.23
CA ALA C 62 10.00 11.66 -4.72
C ALA C 62 10.66 12.47 -5.84
N SER C 63 11.44 11.77 -6.67
CA SER C 63 12.19 12.39 -7.78
C SER C 63 11.30 13.21 -8.74
N CYS C 64 10.04 12.79 -8.91
CA CYS C 64 9.12 13.54 -9.75
C CYS C 64 8.75 14.93 -9.25
N TYR C 65 9.12 15.25 -8.01
CA TYR C 65 8.82 16.57 -7.44
C TYR C 65 10.05 17.32 -6.91
N CYS C 66 11.23 16.74 -7.14
CA CYS C 66 12.47 17.35 -6.63
C CYS C 66 13.35 17.90 -7.76
N GLY C 67 12.80 17.99 -8.96
CA GLY C 67 13.56 18.59 -10.08
C GLY C 67 14.96 18.00 -10.25
N VAL C 68 15.02 16.68 -10.32
CA VAL C 68 16.27 15.92 -10.42
C VAL C 68 16.24 15.03 -11.68
N PRO C 69 16.50 15.63 -12.86
CA PRO C 69 16.20 14.92 -14.12
C PRO C 69 16.86 13.55 -14.29
N THR C 70 18.17 13.46 -14.01
CA THR C 70 18.89 12.20 -14.24
C THR C 70 18.42 11.11 -13.27
N THR C 71 18.31 11.47 -12.00
CA THR C 71 17.72 10.56 -11.00
C THR C 71 16.35 10.07 -11.45
N GLN C 72 15.49 10.99 -11.92
CA GLN C 72 14.11 10.62 -12.27
C GLN C 72 14.12 9.60 -13.43
N ARG C 73 15.00 9.82 -14.41
CA ARG C 73 15.11 8.94 -15.57
C ARG C 73 15.66 7.58 -15.18
N LEU C 74 16.71 7.57 -14.38
CA LEU C 74 17.27 6.30 -13.90
C LEU C 74 16.25 5.48 -13.12
N CYS C 75 15.48 6.15 -12.25
CA CYS C 75 14.42 5.46 -11.50
C CYS C 75 13.32 4.97 -12.42
N GLN C 76 12.96 5.76 -13.44
CA GLN C 76 11.88 5.36 -14.37
C GLN C 76 12.28 4.02 -15.03
N GLU C 77 13.54 3.94 -15.45
CA GLU C 77 14.07 2.77 -16.16
C GLU C 77 14.21 1.56 -15.25
N ILE C 78 14.73 1.77 -14.05
CA ILE C 78 14.95 0.67 -13.12
C ILE C 78 13.60 0.14 -12.65
N GLU C 79 12.70 1.04 -12.29
CA GLU C 79 11.38 0.60 -11.82
C GLU C 79 10.62 -0.16 -12.92
N SER C 80 10.59 0.42 -14.12
CA SER C 80 9.90 -0.26 -15.23
C SER C 80 10.47 -1.68 -15.45
N ALA C 81 11.79 -1.81 -15.40
CA ALA C 81 12.46 -3.12 -15.56
C ALA C 81 12.03 -4.12 -14.48
N LEU C 82 12.09 -3.68 -13.22
CA LEU C 82 11.75 -4.54 -12.09
C LEU C 82 10.28 -4.99 -12.13
N LYS C 83 9.40 -4.11 -12.62
CA LYS C 83 7.99 -4.47 -12.74
C LYS C 83 7.76 -5.57 -13.79
N ARG C 84 8.73 -5.77 -14.68
CA ARG C 84 8.65 -6.87 -15.66
C ARG C 84 9.55 -8.05 -15.27
N GLN C 85 10.00 -8.03 -14.01
CA GLN C 85 10.81 -9.09 -13.37
C GLN C 85 12.21 -9.26 -13.96
N THR C 86 12.77 -8.16 -14.46
CA THR C 86 14.18 -8.17 -14.81
C THR C 86 14.95 -8.42 -13.53
N PRO C 87 15.89 -9.38 -13.55
CA PRO C 87 16.67 -9.67 -12.34
C PRO C 87 17.50 -8.47 -11.88
N VAL C 88 17.56 -8.26 -10.56
CA VAL C 88 18.36 -7.20 -9.94
C VAL C 88 19.83 -7.23 -10.41
N GLU C 89 20.40 -8.42 -10.45
CA GLU C 89 21.77 -8.61 -10.96
C GLU C 89 21.95 -8.04 -12.36
N ASP C 90 20.97 -8.24 -13.24
CA ASP C 90 21.01 -7.66 -14.61
C ASP C 90 20.95 -6.13 -14.64
N LEU C 91 20.50 -5.52 -13.53
CA LEU C 91 20.36 -4.07 -13.45
C LEU C 91 21.49 -3.37 -12.68
N GLU C 92 22.48 -4.14 -12.25
CA GLU C 92 23.64 -3.58 -11.49
C GLU C 92 24.28 -2.33 -12.16
N PRO C 93 24.56 -2.38 -13.48
CA PRO C 93 25.20 -1.20 -14.04
C PRO C 93 24.39 0.09 -13.87
N GLU C 94 23.08 0.03 -14.10
CA GLU C 94 22.24 1.24 -13.94
C GLU C 94 22.03 1.64 -12.47
N ILE C 95 21.96 0.63 -11.61
CA ILE C 95 21.84 0.87 -10.17
C ILE C 95 23.11 1.59 -9.68
N LEU C 96 24.27 1.20 -10.22
CA LEU C 96 25.53 1.85 -9.88
C LEU C 96 25.52 3.31 -10.32
N GLU C 97 25.04 3.54 -11.55
CA GLU C 97 24.82 4.89 -12.08
C GLU C 97 23.89 5.73 -11.17
N LEU C 98 22.79 5.15 -10.72
CA LEU C 98 21.91 5.80 -9.75
C LEU C 98 22.60 6.24 -8.46
N LEU C 99 23.35 5.34 -7.83
CA LEU C 99 24.06 5.69 -6.59
C LEU C 99 25.02 6.86 -6.80
N ASP C 100 25.66 6.90 -7.97
CA ASP C 100 26.58 7.98 -8.34
C ASP C 100 25.85 9.30 -8.48
N GLU C 101 24.67 9.24 -9.09
CA GLU C 101 23.83 10.42 -9.25
C GLU C 101 23.33 10.92 -7.90
N LEU C 102 22.95 9.99 -7.03
CA LEU C 102 22.42 10.33 -5.69
C LEU C 102 23.42 11.10 -4.84
N THR C 103 24.71 10.91 -5.10
CA THR C 103 25.78 11.72 -4.46
C THR C 103 25.79 13.17 -4.96
N LYS C 104 25.69 13.33 -6.28
CA LYS C 104 25.61 14.66 -6.88
C LYS C 104 24.32 15.39 -6.43
N VAL C 105 23.21 14.68 -6.31
CA VAL C 105 21.98 15.32 -5.87
CA VAL C 105 21.98 15.34 -5.87
C VAL C 105 22.12 15.85 -4.43
N GLU C 106 22.68 15.02 -3.56
CA GLU C 106 22.85 15.37 -2.16
C GLU C 106 23.61 16.66 -1.98
N SER C 107 24.68 16.84 -2.75
CA SER C 107 25.47 18.05 -2.65
C SER C 107 24.72 19.25 -3.19
N ALA C 108 24.07 19.08 -4.34
CA ALA C 108 23.40 20.21 -5.00
C ALA C 108 22.24 20.71 -4.15
N VAL C 109 21.45 19.76 -3.64
CA VAL C 109 20.39 20.05 -2.66
C VAL C 109 20.98 20.79 -1.46
N LYS C 110 22.04 20.24 -0.86
CA LYS C 110 22.70 20.89 0.29
C LYS C 110 23.13 22.32 -0.05
N GLN C 111 23.57 22.53 -1.28
CA GLN C 111 24.00 23.87 -1.70
C GLN C 111 22.81 24.77 -2.04
N VAL C 112 21.77 24.21 -2.65
CA VAL C 112 20.51 24.96 -2.88
C VAL C 112 19.89 25.41 -1.55
N LEU C 113 19.76 24.47 -0.61
CA LEU C 113 19.18 24.76 0.71
C LEU C 113 19.97 25.82 1.46
N SER C 114 21.28 25.88 1.20
CA SER C 114 22.15 26.88 1.80
C SER C 114 21.91 28.30 1.29
N GLN C 115 21.41 28.43 0.07
CA GLN C 115 21.12 29.76 -0.49
C GLN C 115 19.82 29.76 -1.29
N ASP D 2 -10.38 11.03 12.39
CA ASP D 2 -10.22 12.31 13.14
C ASP D 2 -9.38 13.37 12.40
N LEU D 3 -10.05 14.47 12.04
CA LEU D 3 -9.46 15.56 11.26
C LEU D 3 -8.42 16.41 11.99
N HIS D 4 -8.32 16.24 13.31
CA HIS D 4 -7.24 16.87 14.09
C HIS D 4 -5.95 16.06 14.06
N THR D 5 -6.09 14.79 13.67
CA THR D 5 -4.95 13.92 13.39
C THR D 5 -4.44 14.17 11.97
N LEU D 6 -5.36 14.07 11.01
CA LEU D 6 -5.02 14.31 9.61
C LEU D 6 -6.23 14.86 8.88
N ASN D 7 -5.99 15.94 8.15
CA ASN D 7 -7.00 16.63 7.38
C ASN D 7 -6.49 16.80 5.94
N TRP D 8 -7.03 15.98 5.05
CA TRP D 8 -6.61 15.94 3.65
C TRP D 8 -6.91 17.28 2.95
N ASP D 9 -8.00 17.93 3.34
CA ASP D 9 -8.34 19.24 2.80
C ASP D 9 -7.27 20.26 3.14
N LEU D 10 -6.76 20.15 4.37
CA LEU D 10 -5.70 21.01 4.83
C LEU D 10 -4.40 20.76 4.04
N CYS D 11 -4.09 19.48 3.82
CA CYS D 11 -2.93 19.11 3.02
CA CYS D 11 -2.94 19.07 2.97
C CYS D 11 -3.02 19.68 1.59
N LEU D 12 -4.17 19.51 0.95
CA LEU D 12 -4.41 20.01 -0.38
C LEU D 12 -4.21 21.52 -0.42
N THR D 13 -4.70 22.22 0.60
CA THR D 13 -4.48 23.65 0.67
C THR D 13 -3.00 24.00 0.73
N GLN D 14 -2.27 23.35 1.66
CA GLN D 14 -0.84 23.58 1.83
C GLN D 14 -0.06 23.26 0.55
N ALA D 15 -0.66 22.44 -0.32
CA ALA D 15 -0.09 22.08 -1.61
C ALA D 15 -0.75 22.83 -2.78
N ASN D 16 -1.46 23.92 -2.45
CA ASN D 16 -2.18 24.75 -3.41
C ASN D 16 -3.07 23.91 -4.33
N HIS D 17 -3.69 22.88 -3.74
CA HIS D 17 -4.68 22.02 -4.42
C HIS D 17 -4.14 21.17 -5.58
N LYS D 18 -2.83 20.92 -5.56
CA LYS D 18 -2.18 20.00 -6.48
C LYS D 18 -2.19 18.64 -5.78
N SER D 19 -3.15 17.81 -6.16
CA SER D 19 -3.41 16.54 -5.48
C SER D 19 -2.19 15.60 -5.46
N ASN D 20 -1.55 15.42 -6.61
CA ASN D 20 -0.36 14.55 -6.69
C ASN D 20 0.80 14.98 -5.80
N LEU D 21 1.05 16.29 -5.73
CA LEU D 21 2.10 16.86 -4.90
C LEU D 21 1.83 16.60 -3.41
N ALA D 22 0.60 16.89 -2.97
CA ALA D 22 0.18 16.66 -1.58
C ALA D 22 0.36 15.21 -1.22
N LEU D 23 -0.07 14.31 -2.13
CA LEU D 23 0.06 12.86 -1.91
C LEU D 23 1.52 12.41 -1.76
N GLU D 24 2.41 12.96 -2.58
CA GLU D 24 3.81 12.62 -2.47
C GLU D 24 4.35 13.07 -1.12
N MSE D 25 3.93 14.24 -0.66
CA MSE D 25 4.38 14.74 0.63
C MSE D 25 3.96 13.80 1.76
O MSE D 25 4.77 13.53 2.64
CB MSE D 25 3.86 16.15 0.86
CG MSE D 25 4.91 17.11 1.33
SE MSE D 25 4.81 18.74 0.28
CE MSE D 25 2.84 18.98 0.24
N LEU D 26 2.72 13.30 1.71
CA LEU D 26 2.26 12.34 2.71
C LEU D 26 3.02 11.02 2.64
N LYS D 27 3.33 10.56 1.43
CA LYS D 27 4.19 9.37 1.28
C LYS D 27 5.56 9.57 1.93
N MSE D 28 6.16 10.73 1.67
CA MSE D 28 7.47 11.07 2.23
CA MSE D 28 7.47 11.05 2.24
C MSE D 28 7.42 11.12 3.77
O MSE D 28 8.37 10.76 4.46
CB MSE D 28 8.00 12.40 1.68
CB MSE D 28 8.04 12.35 1.66
CG MSE D 28 8.32 12.43 0.17
CG MSE D 28 8.45 12.26 0.20
SE MSE D 28 9.02 14.16 -0.49
SE MSE D 28 9.62 10.73 -0.16
CE MSE D 28 10.91 13.70 -0.58
CE MSE D 28 11.32 11.41 0.58
N LEU D 29 6.29 11.60 4.30
CA LEU D 29 6.14 11.68 5.75
C LEU D 29 6.02 10.29 6.34
N LEU D 30 5.10 9.49 5.79
CA LEU D 30 4.85 8.12 6.28
C LEU D 30 6.12 7.27 6.30
N ASP D 31 6.90 7.33 5.22
CA ASP D 31 8.12 6.52 5.11
C ASP D 31 9.14 6.86 6.20
N SER D 32 9.13 8.13 6.60
CA SER D 32 10.07 8.63 7.60
C SER D 32 9.61 8.38 9.04
N LEU D 33 8.32 8.13 9.25
CA LEU D 33 7.80 8.07 10.63
C LEU D 33 8.39 6.98 11.54
N PRO D 34 8.62 5.74 11.03
CA PRO D 34 9.23 4.76 11.96
C PRO D 34 10.64 5.12 12.48
N GLU D 35 11.49 5.69 11.64
CA GLU D 35 12.81 6.12 12.08
C GLU D 35 12.69 7.29 13.09
N THR D 36 11.89 8.27 12.72
CA THR D 36 11.56 9.39 13.61
C THR D 36 11.07 8.93 14.99
N VAL D 37 10.13 7.99 15.01
CA VAL D 37 9.64 7.42 16.27
C VAL D 37 10.75 6.75 17.09
N GLU D 38 11.59 5.94 16.46
CA GLU D 38 12.73 5.32 17.16
C GLU D 38 13.68 6.40 17.73
N LYS D 39 14.00 7.42 16.93
CA LYS D 39 14.90 8.50 17.35
C LYS D 39 14.38 9.27 18.56
N ILE D 40 13.08 9.57 18.57
CA ILE D 40 12.46 10.30 19.68
C ILE D 40 12.55 9.45 20.95
N GLN D 41 12.23 8.16 20.80
CA GLN D 41 12.24 7.22 21.91
C GLN D 41 13.64 7.09 22.54
N THR D 42 14.65 6.88 21.71
CA THR D 42 16.04 6.78 22.17
C THR D 42 16.52 8.07 22.85
N ALA D 43 16.29 9.20 22.18
CA ALA D 43 16.63 10.52 22.74
C ALA D 43 15.96 10.77 24.09
N LEU D 44 14.71 10.32 24.26
CA LEU D 44 13.99 10.49 25.53
C LEU D 44 14.64 9.68 26.65
N GLY D 45 15.02 8.45 26.33
CA GLY D 45 15.65 7.54 27.29
C GLY D 45 17.08 7.89 27.65
N GLN D 46 17.76 8.60 26.74
CA GLN D 46 19.13 9.05 26.96
C GLN D 46 19.21 10.51 27.44
N ASN D 47 18.05 11.15 27.62
CA ASN D 47 18.00 12.52 28.13
C ASN D 47 18.84 13.49 27.25
N ASP D 48 18.60 13.41 25.95
CA ASP D 48 19.53 13.93 24.96
C ASP D 48 18.90 15.12 24.22
N GLN D 49 19.26 16.31 24.68
CA GLN D 49 18.72 17.58 24.20
C GLN D 49 18.95 17.81 22.70
N ALA D 50 20.18 17.54 22.25
CA ALA D 50 20.54 17.84 20.86
C ALA D 50 19.83 16.93 19.86
N THR D 51 19.82 15.63 20.15
CA THR D 51 19.17 14.62 19.30
C THR D 51 17.64 14.78 19.31
N MSE D 52 17.06 15.05 20.48
CA MSE D 52 15.64 15.34 20.54
C MSE D 52 15.27 16.53 19.66
O MSE D 52 14.36 16.44 18.85
CB MSE D 52 15.16 15.59 21.97
CG MSE D 52 13.64 15.84 22.07
SE MSE D 52 12.64 14.23 21.53
CE MSE D 52 13.03 13.06 23.03
N LEU D 53 16.00 17.65 19.83
CA LEU D 53 15.73 18.88 19.09
C LEU D 53 15.89 18.73 17.58
N SER D 54 16.94 18.04 17.12
CA SER D 54 17.10 17.85 15.69
C SER D 54 16.03 16.96 15.09
N THR D 55 15.63 15.87 15.76
CA THR D 55 14.58 15.03 15.18
C THR D 55 13.20 15.71 15.26
N ILE D 56 12.94 16.45 16.35
CA ILE D 56 11.70 17.23 16.46
C ILE D 56 11.67 18.30 15.36
N HIS D 57 12.80 18.96 15.12
CA HIS D 57 12.86 19.99 14.07
C HIS D 57 12.52 19.42 12.69
N LYS D 58 13.13 18.29 12.36
CA LYS D 58 12.85 17.64 11.07
C LYS D 58 11.37 17.33 10.92
N LEU D 59 10.77 16.73 11.96
CA LEU D 59 9.36 16.33 11.90
C LEU D 59 8.48 17.56 11.81
N HIS D 60 8.86 18.61 12.53
CA HIS D 60 8.07 19.83 12.56
C HIS D 60 8.00 20.44 11.15
N GLY D 61 9.14 20.48 10.46
CA GLY D 61 9.22 21.00 9.09
C GLY D 61 8.30 20.25 8.15
N ALA D 62 8.30 18.92 8.28
CA ALA D 62 7.37 18.07 7.51
C ALA D 62 5.90 18.36 7.85
N SER D 63 5.62 18.50 9.14
CA SER D 63 4.24 18.64 9.66
C SER D 63 3.48 19.84 9.10
N CYS D 64 4.25 20.86 8.72
CA CYS D 64 3.71 22.13 8.27
C CYS D 64 2.99 22.02 6.93
N TYR D 65 3.31 20.96 6.18
CA TYR D 65 2.76 20.75 4.84
C TYR D 65 1.93 19.50 4.71
N CYS D 66 1.72 18.78 5.82
CA CYS D 66 1.02 17.49 5.75
C CYS D 66 -0.35 17.46 6.41
N GLY D 67 -0.93 18.64 6.69
CA GLY D 67 -2.29 18.71 7.25
C GLY D 67 -2.44 17.85 8.50
N VAL D 68 -1.52 17.98 9.44
CA VAL D 68 -1.53 17.13 10.64
C VAL D 68 -1.54 18.04 11.89
N PRO D 69 -2.72 18.61 12.23
CA PRO D 69 -2.76 19.71 13.23
C PRO D 69 -2.14 19.42 14.60
N THR D 70 -2.51 18.30 15.20
CA THR D 70 -2.01 17.95 16.53
C THR D 70 -0.51 17.63 16.52
N THR D 71 -0.04 16.89 15.51
CA THR D 71 1.41 16.70 15.31
C THR D 71 2.15 18.05 15.20
N GLN D 72 1.65 18.93 14.34
CA GLN D 72 2.29 20.22 14.16
C GLN D 72 2.32 21.03 15.48
N ARG D 73 1.20 21.08 16.18
CA ARG D 73 1.11 21.81 17.45
C ARG D 73 2.12 21.29 18.49
N LEU D 74 2.14 19.98 18.67
CA LEU D 74 3.06 19.38 19.63
C LEU D 74 4.50 19.57 19.24
N CYS D 75 4.83 19.37 17.96
CA CYS D 75 6.22 19.61 17.51
C CYS D 75 6.64 21.06 17.78
N GLN D 76 5.78 22.02 17.43
CA GLN D 76 6.12 23.43 17.63
C GLN D 76 6.33 23.72 19.12
N GLU D 77 5.45 23.22 19.95
CA GLU D 77 5.55 23.43 21.39
C GLU D 77 6.81 22.81 21.99
N ILE D 78 7.10 21.57 21.64
CA ILE D 78 8.32 20.92 22.12
C ILE D 78 9.58 21.63 21.60
N GLU D 79 9.64 21.88 20.30
CA GLU D 79 10.84 22.49 19.69
C GLU D 79 11.11 23.87 20.30
N SER D 80 10.07 24.69 20.41
CA SER D 80 10.25 26.05 20.93
CA SER D 80 10.27 26.04 20.92
C SER D 80 10.75 26.00 22.37
N ALA D 81 10.17 25.10 23.16
CA ALA D 81 10.56 24.98 24.57
C ALA D 81 12.00 24.49 24.73
N LEU D 82 12.41 23.50 23.94
CA LEU D 82 13.77 22.98 24.00
C LEU D 82 14.79 24.06 23.68
N LYS D 83 14.50 24.83 22.63
CA LYS D 83 15.34 25.93 22.22
C LYS D 83 15.43 27.01 23.31
N ARG D 84 14.37 27.12 24.13
CA ARG D 84 14.37 28.07 25.23
C ARG D 84 14.92 27.43 26.51
N GLN D 85 15.73 26.38 26.31
CA GLN D 85 16.41 25.65 27.38
C GLN D 85 15.53 24.90 28.38
N THR D 86 14.29 24.58 28.03
CA THR D 86 13.58 23.65 28.93
C THR D 86 14.06 22.21 28.68
N PRO D 87 14.43 21.50 29.76
CA PRO D 87 15.06 20.20 29.60
C PRO D 87 14.06 19.16 29.10
N VAL D 88 14.58 18.16 28.38
CA VAL D 88 13.77 17.04 27.88
C VAL D 88 12.87 16.46 28.99
N GLU D 89 13.43 16.31 30.19
CA GLU D 89 12.71 15.73 31.33
C GLU D 89 11.39 16.43 31.64
N ASP D 90 11.42 17.77 31.63
CA ASP D 90 10.21 18.56 31.86
C ASP D 90 9.13 18.38 30.74
N LEU D 91 9.59 18.17 29.50
CA LEU D 91 8.70 18.08 28.33
C LEU D 91 8.25 16.65 28.10
N GLU D 92 8.70 15.76 28.97
CA GLU D 92 8.32 14.35 28.86
C GLU D 92 6.81 14.10 28.62
N PRO D 93 5.91 14.83 29.31
CA PRO D 93 4.49 14.58 29.04
C PRO D 93 4.12 14.94 27.59
N GLU D 94 4.65 16.05 27.07
CA GLU D 94 4.36 16.40 25.68
C GLU D 94 4.98 15.41 24.69
N ILE D 95 6.17 14.90 25.01
CA ILE D 95 6.86 13.99 24.09
C ILE D 95 6.13 12.68 23.94
N LEU D 96 5.61 12.15 25.05
CA LEU D 96 4.75 10.95 25.00
C LEU D 96 3.44 11.22 24.27
N GLU D 97 2.83 12.39 24.48
CA GLU D 97 1.66 12.77 23.68
C GLU D 97 1.97 12.75 22.18
N LEU D 98 3.14 13.27 21.81
CA LEU D 98 3.59 13.26 20.41
C LEU D 98 3.70 11.82 19.89
N LEU D 99 4.37 10.97 20.65
CA LEU D 99 4.52 9.57 20.25
C LEU D 99 3.16 8.87 20.09
N ASP D 100 2.22 9.16 20.99
CA ASP D 100 0.85 8.64 20.90
C ASP D 100 0.22 9.08 19.59
N GLU D 101 0.35 10.36 19.30
CA GLU D 101 -0.20 10.96 18.09
C GLU D 101 0.38 10.39 16.79
N LEU D 102 1.66 10.08 16.81
CA LEU D 102 2.34 9.62 15.59
C LEU D 102 1.85 8.26 15.14
N THR D 103 1.51 7.39 16.10
CA THR D 103 0.88 6.11 15.76
C THR D 103 -0.49 6.32 15.08
N LYS D 104 -1.23 7.31 15.55
CA LYS D 104 -2.50 7.71 14.93
C LYS D 104 -2.26 8.27 13.51
N VAL D 105 -1.22 9.09 13.37
CA VAL D 105 -0.89 9.65 12.07
C VAL D 105 -0.53 8.58 11.04
N GLU D 106 0.30 7.61 11.45
CA GLU D 106 0.66 6.48 10.56
C GLU D 106 -0.56 5.74 10.05
N SER D 107 -1.51 5.47 10.94
CA SER D 107 -2.72 4.75 10.56
C SER D 107 -3.59 5.60 9.63
N ALA D 108 -3.65 6.89 9.90
CA ALA D 108 -4.49 7.81 9.15
C ALA D 108 -3.99 8.07 7.71
N VAL D 109 -2.69 8.33 7.57
CA VAL D 109 -2.11 8.56 6.25
CA VAL D 109 -2.06 8.55 6.27
C VAL D 109 -2.25 7.30 5.41
N LYS D 110 -2.00 6.15 6.01
CA LYS D 110 -2.16 4.88 5.32
C LYS D 110 -3.55 4.67 4.71
N GLN D 111 -4.58 5.10 5.44
CA GLN D 111 -5.97 4.99 4.99
C GLN D 111 -6.27 5.95 3.82
N VAL D 112 -5.81 7.19 3.94
CA VAL D 112 -5.96 8.20 2.89
C VAL D 112 -5.23 7.79 1.60
N LEU D 113 -4.05 7.23 1.77
CA LEU D 113 -3.29 6.76 0.63
C LEU D 113 -4.02 5.58 -0.04
N SER D 114 -4.63 4.72 0.77
CA SER D 114 -5.45 3.64 0.21
C SER D 114 -6.60 4.18 -0.62
N GLN D 115 -7.34 5.15 -0.06
CA GLN D 115 -8.51 5.74 -0.73
C GLN D 115 -8.14 6.45 -2.05
N LEU D 116 -6.97 7.07 -2.09
CA LEU D 116 -6.58 7.92 -3.22
C LEU D 116 -5.44 7.39 -4.12
N SER D 117 -4.44 6.71 -3.56
CA SER D 117 -3.23 6.37 -4.33
C SER D 117 -3.46 5.24 -5.31
#